data_6OYL
#
_entry.id   6OYL
#
_cell.length_a   53.290
_cell.length_b   108.037
_cell.length_c   117.808
_cell.angle_alpha   90.00
_cell.angle_beta   90.00
_cell.angle_gamma   90.00
#
_symmetry.space_group_name_H-M   'P 21 21 21'
#
loop_
_entity.id
_entity.type
_entity.pdbx_description
1 polymer 'Serine/threonine-protein phosphatase 2A 56 kDa regulatory subunit gamma isoform'
2 polymer 'Chromosome-associated kinesin KIF4A'
3 water water
#
loop_
_entity_poly.entity_id
_entity_poly.type
_entity_poly.pdbx_seq_one_letter_code
_entity_poly.pdbx_strand_id
1 'polypeptide(L)'
;GHMGSRDVPPADQEKLFIQKLRQCCVLFDFVSDPLSDLKWKEVKRAALSEMVEYITHNRNVITEPIYPEVVHMFAVNMFR
TLPPSSNPTGAEFDPEEDEPTLEAAWPHLQLVYEFFLRFLESPDFQPNIAKKYIDQKFVLQLLELFDSEDPRERDFLKTT
LHRIYGKFLGLRAYIRKQINNIFYRFIYETEHHNGIAELLEILGSIINGFALPLKEEHKIFLLKVLLPLHKVKSLSVYHP
QLAYCVVQFLEKDSTLTEPVVMALLKYWPKTHSPKEVMFLNELEEILDVIEPSEFVKIMEPLFRQLAKCVSSPHFQVAER
ALYYWNNEYIMSLISDNAAKILPIMFPSLYRNSKT
;
A
2 'polypeptide(L)' GHMELKHVATEYQENKAPGKKKKRALASNTSFFSGLEPIEEEPE B
#
# COMPACT_ATOMS: atom_id res chain seq x y z
N ASP A 12 21.11 6.87 36.56
CA ASP A 12 21.41 6.72 35.15
C ASP A 12 20.12 6.51 34.36
N GLN A 13 19.85 7.43 33.43
CA GLN A 13 18.57 7.42 32.73
C GLN A 13 18.46 6.24 31.76
N GLU A 14 19.57 5.85 31.14
CA GLU A 14 19.54 4.72 30.19
C GLU A 14 19.10 3.42 30.88
N LYS A 15 19.40 3.29 32.17
CA LYS A 15 18.99 2.09 32.90
C LYS A 15 17.47 2.07 33.12
N LEU A 16 16.91 3.20 33.54
CA LEU A 16 15.47 3.26 33.79
C LEU A 16 14.66 3.08 32.51
N PHE A 17 15.18 3.56 31.37
CA PHE A 17 14.52 3.33 30.08
C PHE A 17 14.36 1.84 29.83
N ILE A 18 15.42 1.06 30.06
CA ILE A 18 15.37 -0.38 29.82
C ILE A 18 14.44 -1.05 30.82
N GLN A 19 14.44 -0.57 32.06
CA GLN A 19 13.53 -1.11 33.08
C GLN A 19 12.08 -0.96 32.65
N LYS A 20 11.69 0.23 32.22
CA LYS A 20 10.31 0.44 31.80
C LYS A 20 9.98 -0.33 30.54
N LEU A 21 10.96 -0.48 29.65
CA LEU A 21 10.75 -1.32 28.46
C LEU A 21 10.45 -2.76 28.85
N ARG A 22 11.31 -3.36 29.67
CA ARG A 22 11.09 -4.75 30.10
C ARG A 22 9.81 -4.88 30.89
N GLN A 23 9.46 -3.86 31.69
CA GLN A 23 8.21 -3.86 32.44
C GLN A 23 7.01 -4.02 31.52
N CYS A 24 7.07 -3.49 30.31
CA CYS A 24 6.03 -3.63 29.31
C CYS A 24 6.11 -4.96 28.56
N CYS A 25 7.05 -5.82 28.92
CA CYS A 25 7.11 -7.18 28.38
C CYS A 25 6.39 -8.19 29.26
N VAL A 26 5.76 -7.73 30.34
CA VAL A 26 5.01 -8.60 31.25
C VAL A 26 3.54 -8.52 30.86
N LEU A 27 3.04 -9.58 30.22
CA LEU A 27 1.63 -9.71 29.89
C LEU A 27 0.92 -10.43 31.03
N PHE A 28 -0.10 -9.79 31.59
CA PHE A 28 -0.71 -10.26 32.83
C PHE A 28 -2.21 -10.47 32.63
N ASP A 29 -2.83 -11.11 33.62
CA ASP A 29 -4.27 -11.26 33.63
C ASP A 29 -4.74 -11.53 35.05
N PHE A 30 -5.83 -10.89 35.44
CA PHE A 30 -6.47 -11.10 36.74
C PHE A 30 -7.93 -11.41 36.51
N VAL A 31 -8.37 -12.59 36.93
CA VAL A 31 -9.79 -12.92 36.94
C VAL A 31 -10.39 -12.77 38.34
N SER A 32 -9.60 -12.92 39.40
CA SER A 32 -10.10 -12.74 40.76
C SER A 32 -9.70 -11.39 41.35
N ASP A 33 -9.36 -10.42 40.51
CA ASP A 33 -9.00 -9.09 40.98
C ASP A 33 -9.13 -8.09 39.84
N PRO A 34 -10.35 -7.64 39.53
CA PRO A 34 -10.54 -6.71 38.41
C PRO A 34 -9.97 -5.31 38.65
N LEU A 35 -9.43 -5.00 39.83
CA LEU A 35 -8.87 -3.69 40.11
C LEU A 35 -7.36 -3.64 39.93
N SER A 36 -6.62 -4.64 40.44
CA SER A 36 -5.20 -4.74 40.13
C SER A 36 -4.97 -4.85 38.62
N ASP A 37 -5.89 -5.51 37.91
CA ASP A 37 -5.79 -5.57 36.46
C ASP A 37 -5.80 -4.17 35.86
N LEU A 38 -6.81 -3.37 36.23
CA LEU A 38 -6.90 -2.00 35.71
C LEU A 38 -5.65 -1.20 36.04
N LYS A 39 -5.14 -1.30 37.27
CA LYS A 39 -3.90 -0.61 37.60
C LYS A 39 -2.75 -1.10 36.74
N TRP A 40 -2.63 -2.42 36.58
CA TRP A 40 -1.55 -2.95 35.77
C TRP A 40 -1.65 -2.44 34.34
N LYS A 41 -2.85 -2.44 33.76
CA LYS A 41 -3.06 -1.80 32.47
C LYS A 41 -2.63 -0.35 32.52
N GLU A 42 -3.18 0.41 33.49
CA GLU A 42 -2.85 1.82 33.61
C GLU A 42 -1.36 2.04 33.86
N VAL A 43 -0.74 1.14 34.65
CA VAL A 43 0.70 1.25 34.90
C VAL A 43 1.47 1.04 33.60
N LYS A 44 1.02 0.12 32.76
CA LYS A 44 1.65 -0.22 31.49
C LYS A 44 1.31 0.78 30.39
N ARG A 45 0.05 1.24 30.35
CA ARG A 45 -0.31 2.31 29.43
C ARG A 45 0.47 3.58 29.74
N ALA A 46 0.65 3.88 31.03
CA ALA A 46 1.36 5.10 31.42
C ALA A 46 2.84 5.01 31.09
N ALA A 47 3.46 3.85 31.36
CA ALA A 47 4.88 3.69 31.06
C ALA A 47 5.14 3.82 29.57
N LEU A 48 4.21 3.35 28.73
CA LEU A 48 4.35 3.52 27.29
C LEU A 48 4.29 4.98 26.89
N SER A 49 3.30 5.72 27.42
CA SER A 49 3.19 7.15 27.14
C SER A 49 4.45 7.89 27.54
N GLU A 50 4.92 7.65 28.77
CA GLU A 50 6.17 8.27 29.24
C GLU A 50 7.30 8.05 28.24
N MET A 51 7.40 6.85 27.67
CA MET A 51 8.49 6.54 26.76
C MET A 51 8.26 7.15 25.38
N VAL A 52 7.00 7.27 24.95
CA VAL A 52 6.71 7.95 23.68
C VAL A 52 7.18 9.39 23.73
N GLU A 53 6.78 10.13 24.78
CA GLU A 53 7.21 11.52 24.93
C GLU A 53 8.72 11.62 25.06
N TYR A 54 9.33 10.72 25.85
CA TYR A 54 10.76 10.77 26.10
C TYR A 54 11.56 10.66 24.80
N ILE A 55 11.12 9.80 23.90
CA ILE A 55 11.86 9.54 22.67
C ILE A 55 11.53 10.55 21.56
N THR A 56 10.35 11.16 21.61
CA THR A 56 9.97 12.09 20.55
C THR A 56 10.64 13.45 20.72
N HIS A 57 10.93 13.85 21.95
CA HIS A 57 11.32 15.22 22.23
C HIS A 57 12.71 15.37 22.82
N ASN A 58 13.33 14.32 23.33
CA ASN A 58 14.67 14.41 23.88
C ASN A 58 15.69 13.94 22.87
N ARG A 59 16.84 14.61 22.86
CA ARG A 59 17.86 14.35 21.86
C ARG A 59 18.93 13.41 22.40
N ASN A 60 19.36 12.49 21.54
CA ASN A 60 20.46 11.57 21.85
C ASN A 60 20.14 10.69 23.06
N VAL A 61 18.87 10.30 23.20
CA VAL A 61 18.50 9.34 24.23
C VAL A 61 18.57 7.91 23.74
N ILE A 62 18.57 7.69 22.43
CA ILE A 62 18.65 6.36 21.85
C ILE A 62 20.12 5.95 21.83
N THR A 63 20.51 5.08 22.75
CA THR A 63 21.85 4.54 22.80
C THR A 63 21.84 3.07 22.35
N GLU A 64 23.04 2.54 22.11
CA GLU A 64 23.14 1.22 21.50
C GLU A 64 22.44 0.12 22.29
N PRO A 65 22.60 -0.02 23.61
CA PRO A 65 21.91 -1.12 24.32
C PRO A 65 20.40 -1.05 24.26
N ILE A 66 19.82 0.05 23.77
CA ILE A 66 18.37 0.20 23.78
C ILE A 66 17.73 -0.69 22.73
N TYR A 67 18.33 -0.78 21.54
CA TYR A 67 17.73 -1.38 20.36
C TYR A 67 17.16 -2.78 20.61
N PRO A 68 17.92 -3.72 21.19
CA PRO A 68 17.31 -5.04 21.45
C PRO A 68 16.12 -4.98 22.38
N GLU A 69 16.16 -4.09 23.37
CA GLU A 69 15.03 -3.93 24.29
C GLU A 69 13.77 -3.50 23.55
N VAL A 70 13.90 -2.56 22.62
CA VAL A 70 12.74 -2.04 21.90
C VAL A 70 12.15 -3.12 20.98
N VAL A 71 13.00 -3.75 20.16
CA VAL A 71 12.53 -4.81 19.27
C VAL A 71 11.95 -5.97 20.07
N HIS A 72 12.52 -6.28 21.23
CA HIS A 72 11.96 -7.33 22.08
C HIS A 72 10.60 -6.92 22.63
N MET A 73 10.47 -5.67 23.07
CA MET A 73 9.19 -5.21 23.61
C MET A 73 8.11 -5.20 22.53
N PHE A 74 8.47 -4.83 21.30
CA PHE A 74 7.51 -4.86 20.21
C PHE A 74 7.08 -6.29 19.90
N ALA A 75 8.05 -7.19 19.81
CA ALA A 75 7.75 -8.57 19.42
C ALA A 75 6.85 -9.27 20.44
N VAL A 76 7.09 -9.03 21.73
CA VAL A 76 6.30 -9.70 22.76
C VAL A 76 4.86 -9.23 22.74
N ASN A 77 4.64 -7.94 22.45
CA ASN A 77 3.28 -7.39 22.46
C ASN A 77 2.56 -7.66 21.15
N MET A 78 3.21 -7.39 20.02
CA MET A 78 2.54 -7.41 18.74
C MET A 78 2.53 -8.79 18.09
N PHE A 79 3.68 -9.45 18.01
CA PHE A 79 3.72 -10.74 17.34
C PHE A 79 2.92 -11.76 18.13
N ARG A 80 1.70 -12.03 17.65
CA ARG A 80 0.73 -12.84 18.37
C ARG A 80 0.01 -13.71 17.35
N THR A 81 -1.17 -14.19 17.72
CA THR A 81 -2.04 -14.95 16.82
C THR A 81 -3.34 -14.19 16.65
N LEU A 82 -3.73 -13.98 15.41
CA LEU A 82 -4.87 -13.12 15.11
C LEU A 82 -6.16 -13.91 15.21
N PRO A 83 -7.12 -13.49 16.04
CA PRO A 83 -8.32 -14.30 16.24
C PRO A 83 -9.23 -14.24 15.03
N PRO A 84 -9.95 -15.33 14.71
CA PRO A 84 -10.88 -15.39 13.58
C PRO A 84 -12.04 -14.42 13.74
N GLU A 103 -7.72 -5.35 17.66
CA GLU A 103 -8.07 -6.22 18.78
C GLU A 103 -8.92 -5.48 19.81
N ALA A 104 -9.03 -6.06 21.00
CA ALA A 104 -9.79 -5.46 22.08
C ALA A 104 -8.94 -4.51 22.91
N ALA A 105 -7.70 -4.91 23.23
CA ALA A 105 -6.80 -4.05 23.96
C ALA A 105 -6.09 -3.09 23.00
N TRP A 106 -6.85 -2.43 22.14
CA TRP A 106 -6.26 -1.49 21.20
C TRP A 106 -5.59 -0.29 21.87
N PRO A 107 -6.10 0.27 23.01
CA PRO A 107 -5.36 1.33 23.69
C PRO A 107 -3.89 1.00 23.91
N HIS A 108 -3.61 -0.23 24.33
N HIS A 108 -3.62 -0.24 24.31
CA HIS A 108 -2.22 -0.64 24.52
CA HIS A 108 -2.23 -0.66 24.53
C HIS A 108 -1.52 -0.85 23.20
C HIS A 108 -1.51 -0.88 23.21
N LEU A 109 -2.16 -1.57 22.27
CA LEU A 109 -1.53 -1.85 20.98
C LEU A 109 -1.20 -0.56 20.21
N GLN A 110 -2.07 0.43 20.29
CA GLN A 110 -1.82 1.69 19.59
C GLN A 110 -0.60 2.41 20.16
N LEU A 111 -0.40 2.35 21.47
CA LEU A 111 0.78 2.97 22.07
C LEU A 111 2.06 2.31 21.60
N VAL A 112 2.02 0.98 21.42
CA VAL A 112 3.23 0.25 21.02
C VAL A 112 3.66 0.64 19.61
N TYR A 113 2.72 0.63 18.65
CA TYR A 113 3.04 1.04 17.29
C TYR A 113 3.56 2.47 17.27
N GLU A 114 2.89 3.37 18.00
CA GLU A 114 3.36 4.76 18.11
C GLU A 114 4.79 4.81 18.59
N PHE A 115 5.07 4.21 19.76
CA PHE A 115 6.42 4.25 20.29
C PHE A 115 7.42 3.67 19.31
N PHE A 116 7.10 2.52 18.72
CA PHE A 116 7.99 1.94 17.74
C PHE A 116 8.16 2.85 16.52
N LEU A 117 7.08 3.55 16.14
CA LEU A 117 7.16 4.45 15.00
C LEU A 117 8.08 5.64 15.29
N ARG A 118 7.82 6.34 16.40
N ARG A 118 7.82 6.35 16.39
CA ARG A 118 8.69 7.46 16.79
CA ARG A 118 8.69 7.45 16.78
C ARG A 118 10.11 6.99 17.01
C ARG A 118 10.12 6.99 17.03
N PHE A 119 10.30 5.71 17.33
CA PHE A 119 11.65 5.16 17.51
C PHE A 119 12.37 5.05 16.18
N LEU A 120 11.66 4.64 15.12
CA LEU A 120 12.28 4.55 13.80
C LEU A 120 12.54 5.93 13.22
N GLU A 121 11.60 6.85 13.37
CA GLU A 121 11.68 8.18 12.79
C GLU A 121 12.73 9.05 13.47
N SER A 122 13.29 8.62 14.59
CA SER A 122 14.13 9.51 15.40
C SER A 122 15.41 9.88 14.65
N PRO A 123 15.90 11.11 14.83
CA PRO A 123 17.19 11.48 14.21
C PRO A 123 18.38 10.76 14.82
N ASP A 124 18.25 10.22 16.02
CA ASP A 124 19.31 9.44 16.66
C ASP A 124 19.32 7.99 16.21
N PHE A 125 18.52 7.63 15.21
CA PHE A 125 18.36 6.24 14.80
C PHE A 125 19.45 5.87 13.80
N GLN A 126 20.14 4.76 14.08
CA GLN A 126 21.22 4.26 13.22
C GLN A 126 20.87 2.87 12.72
N PRO A 127 20.56 2.70 11.43
CA PRO A 127 20.16 1.38 10.93
C PRO A 127 21.25 0.33 11.00
N ASN A 128 22.53 0.74 11.03
CA ASN A 128 23.61 -0.23 11.09
C ASN A 128 23.55 -1.06 12.37
N ILE A 129 23.11 -0.45 13.47
CA ILE A 129 22.97 -1.17 14.73
C ILE A 129 21.66 -1.96 14.75
N ALA A 130 20.58 -1.35 14.26
CA ALA A 130 19.28 -2.02 14.28
C ALA A 130 19.24 -3.22 13.34
N LYS A 131 20.04 -3.21 12.28
CA LYS A 131 20.06 -4.29 11.30
C LYS A 131 20.37 -5.63 11.97
N LYS A 132 21.01 -5.57 13.13
CA LYS A 132 21.27 -6.77 13.91
C LYS A 132 19.97 -7.41 14.40
N TYR A 133 19.06 -6.60 14.94
CA TYR A 133 17.88 -7.10 15.61
C TYR A 133 16.63 -7.06 14.74
N ILE A 134 16.61 -6.25 13.68
CA ILE A 134 15.52 -6.26 12.73
C ILE A 134 15.95 -7.07 11.52
N ASP A 135 15.81 -8.39 11.62
CA ASP A 135 16.19 -9.30 10.56
C ASP A 135 14.97 -9.68 9.73
N GLN A 136 15.13 -10.66 8.85
CA GLN A 136 14.03 -11.09 7.98
C GLN A 136 12.89 -11.71 8.79
N LYS A 137 13.24 -12.51 9.81
CA LYS A 137 12.21 -13.11 10.66
C LYS A 137 11.29 -12.05 11.26
N PHE A 138 11.85 -10.91 11.65
CA PHE A 138 11.03 -9.81 12.15
C PHE A 138 10.05 -9.33 11.09
N VAL A 139 10.55 -9.08 9.87
CA VAL A 139 9.70 -8.55 8.79
C VAL A 139 8.60 -9.55 8.46
N LEU A 140 8.96 -10.83 8.36
CA LEU A 140 7.97 -11.88 8.15
C LEU A 140 6.88 -11.82 9.21
N GLN A 141 7.27 -11.80 10.48
CA GLN A 141 6.30 -11.76 11.56
C GLN A 141 5.43 -10.52 11.50
N LEU A 142 6.01 -9.39 11.10
CA LEU A 142 5.22 -8.16 10.97
C LEU A 142 4.19 -8.28 9.87
N LEU A 143 4.51 -9.02 8.79
CA LEU A 143 3.59 -9.15 7.68
C LEU A 143 2.38 -10.00 8.03
N GLU A 144 2.56 -10.99 8.91
CA GLU A 144 1.43 -11.78 9.39
C GLU A 144 0.34 -10.88 9.95
N LEU A 145 0.73 -9.83 10.66
CA LEU A 145 -0.21 -8.90 11.27
C LEU A 145 -1.00 -8.09 10.24
N PHE A 146 -0.55 -8.02 8.98
CA PHE A 146 -1.35 -7.32 7.98
C PHE A 146 -2.69 -8.02 7.76
N ASP A 147 -2.74 -9.33 7.97
CA ASP A 147 -3.99 -10.08 7.87
C ASP A 147 -5.01 -9.64 8.91
N SER A 148 -4.60 -8.86 9.91
CA SER A 148 -5.51 -8.38 10.95
C SER A 148 -6.68 -7.63 10.34
N GLU A 149 -7.83 -7.73 11.03
CA GLU A 149 -9.08 -7.16 10.56
C GLU A 149 -9.35 -5.78 11.14
N ASP A 150 -8.36 -5.15 11.76
CA ASP A 150 -8.55 -3.83 12.34
C ASP A 150 -7.95 -2.79 11.42
N PRO A 151 -8.77 -1.98 10.72
CA PRO A 151 -8.21 -0.95 9.82
C PRO A 151 -7.17 -0.06 10.46
N ARG A 152 -7.39 0.34 11.72
CA ARG A 152 -6.45 1.22 12.40
C ARG A 152 -5.14 0.50 12.72
N GLU A 153 -5.19 -0.81 12.94
CA GLU A 153 -3.94 -1.55 13.13
C GLU A 153 -3.19 -1.71 11.81
N ARG A 154 -3.91 -2.08 10.74
CA ARG A 154 -3.27 -2.18 9.43
C ARG A 154 -2.68 -0.84 8.99
N ASP A 155 -3.27 0.27 9.45
CA ASP A 155 -2.72 1.58 9.13
C ASP A 155 -1.39 1.81 9.83
N PHE A 156 -1.25 1.33 11.07
CA PHE A 156 0.03 1.44 11.77
C PHE A 156 1.06 0.50 11.15
N LEU A 157 0.65 -0.71 10.79
CA LEU A 157 1.56 -1.65 10.12
C LEU A 157 1.98 -1.12 8.77
N LYS A 158 1.08 -0.44 8.06
CA LYS A 158 1.41 0.18 6.78
C LYS A 158 2.55 1.18 6.95
N THR A 159 2.40 2.12 7.89
CA THR A 159 3.42 3.13 8.09
C THR A 159 4.73 2.51 8.57
N THR A 160 4.65 1.52 9.47
CA THR A 160 5.86 0.94 10.05
C THR A 160 6.70 0.25 8.98
N LEU A 161 6.06 -0.56 8.13
CA LEU A 161 6.79 -1.24 7.07
C LEU A 161 7.42 -0.25 6.10
N HIS A 162 6.83 0.93 5.95
CA HIS A 162 7.38 1.92 5.03
C HIS A 162 8.66 2.57 5.58
N ARG A 163 8.76 2.71 6.90
CA ARG A 163 9.99 3.24 7.48
C ARG A 163 11.14 2.24 7.42
N ILE A 164 10.82 0.95 7.54
CA ILE A 164 11.85 -0.09 7.49
C ILE A 164 12.46 -0.16 6.10
N TYR A 165 11.62 -0.12 5.07
CA TYR A 165 12.12 -0.21 3.69
C TYR A 165 13.05 0.96 3.36
N GLY A 166 12.71 2.15 3.82
CA GLY A 166 13.47 3.34 3.51
C GLY A 166 14.79 3.48 4.23
N LYS A 167 15.01 2.73 5.30
CA LYS A 167 16.25 2.81 6.07
C LYS A 167 17.06 1.52 6.07
N PHE A 168 16.42 0.36 5.89
CA PHE A 168 17.12 -0.92 5.87
C PHE A 168 17.26 -1.37 4.42
N LEU A 169 18.30 -0.86 3.75
CA LEU A 169 18.58 -1.24 2.37
C LEU A 169 18.70 -2.74 2.21
N GLY A 170 19.21 -3.43 3.23
CA GLY A 170 19.39 -4.87 3.19
C GLY A 170 18.13 -5.70 3.26
N LEU A 171 16.99 -5.09 3.59
CA LEU A 171 15.71 -5.79 3.62
C LEU A 171 14.81 -5.47 2.44
N ARG A 172 15.19 -4.51 1.60
CA ARG A 172 14.31 -4.06 0.52
C ARG A 172 13.94 -5.20 -0.43
N ALA A 173 14.89 -6.11 -0.66
CA ALA A 173 14.64 -7.23 -1.58
C ALA A 173 13.75 -8.28 -0.93
N TYR A 174 14.08 -8.69 0.31
CA TYR A 174 13.29 -9.69 1.00
C TYR A 174 11.83 -9.27 1.13
N ILE A 175 11.59 -7.98 1.33
CA ILE A 175 10.22 -7.50 1.47
C ILE A 175 9.47 -7.63 0.15
N ARG A 176 10.07 -7.20 -0.95
CA ARG A 176 9.44 -7.32 -2.26
C ARG A 176 9.10 -8.77 -2.56
N LYS A 177 10.06 -9.68 -2.33
CA LYS A 177 9.82 -11.09 -2.59
C LYS A 177 8.67 -11.63 -1.76
N GLN A 178 8.59 -11.23 -0.49
CA GLN A 178 7.53 -11.71 0.39
C GLN A 178 6.20 -11.02 0.12
N ILE A 179 6.20 -9.80 -0.42
CA ILE A 179 4.94 -9.18 -0.83
C ILE A 179 4.46 -9.76 -2.15
N ASN A 180 5.38 -9.92 -3.11
CA ASN A 180 5.09 -10.63 -4.35
C ASN A 180 4.52 -12.01 -4.09
N ASN A 181 4.87 -12.61 -2.95
CA ASN A 181 4.31 -13.89 -2.56
C ASN A 181 2.86 -13.74 -2.12
N ILE A 182 2.60 -12.78 -1.24
CA ILE A 182 1.23 -12.60 -0.73
C ILE A 182 0.26 -12.35 -1.87
N PHE A 183 0.65 -11.51 -2.83
CA PHE A 183 -0.23 -11.22 -3.97
C PHE A 183 -0.46 -12.47 -4.81
N TYR A 184 0.61 -13.19 -5.13
CA TYR A 184 0.48 -14.43 -5.89
C TYR A 184 -0.45 -15.41 -5.19
N ARG A 185 -0.38 -15.45 -3.86
CA ARG A 185 -1.28 -16.32 -3.09
C ARG A 185 -2.72 -15.83 -3.16
N PHE A 186 -2.92 -14.50 -3.23
CA PHE A 186 -4.26 -13.93 -3.19
C PHE A 186 -4.99 -14.12 -4.52
N ILE A 187 -4.30 -13.96 -5.65
CA ILE A 187 -4.95 -14.14 -6.94
C ILE A 187 -5.28 -15.61 -7.17
N TYR A 188 -4.26 -16.46 -7.12
CA TYR A 188 -4.40 -17.84 -7.57
C TYR A 188 -4.93 -18.74 -6.46
N GLU A 189 -4.16 -18.89 -5.38
CA GLU A 189 -4.47 -19.85 -4.33
C GLU A 189 -5.55 -19.36 -3.36
N THR A 190 -6.27 -18.29 -3.71
CA THR A 190 -7.40 -17.78 -2.92
C THR A 190 -7.05 -17.62 -1.45
N GLU A 191 -5.86 -17.07 -1.20
CA GLU A 191 -5.41 -16.78 0.16
C GLU A 191 -5.88 -15.37 0.50
N HIS A 192 -7.13 -15.26 0.93
CA HIS A 192 -7.73 -13.96 1.18
C HIS A 192 -6.93 -13.19 2.23
N HIS A 193 -6.81 -11.89 2.02
CA HIS A 193 -5.95 -11.03 2.83
C HIS A 193 -6.63 -9.70 3.04
N ASN A 194 -6.85 -9.33 4.31
CA ASN A 194 -7.38 -8.01 4.63
C ASN A 194 -6.36 -6.89 4.43
N GLY A 195 -5.11 -7.22 4.07
CA GLY A 195 -4.07 -6.21 3.95
C GLY A 195 -3.68 -5.81 2.55
N ILE A 196 -4.41 -6.26 1.52
CA ILE A 196 -4.01 -5.99 0.14
C ILE A 196 -3.99 -4.49 -0.13
N ALA A 197 -5.04 -3.78 0.28
CA ALA A 197 -5.11 -2.33 0.07
C ALA A 197 -3.87 -1.63 0.63
N GLU A 198 -3.59 -1.84 1.92
CA GLU A 198 -2.48 -1.15 2.57
C GLU A 198 -1.12 -1.55 2.03
N LEU A 199 -0.99 -2.76 1.47
CA LEU A 199 0.28 -3.16 0.88
C LEU A 199 0.52 -2.45 -0.44
N LEU A 200 -0.52 -2.32 -1.27
CA LEU A 200 -0.39 -1.60 -2.53
C LEU A 200 0.01 -0.15 -2.30
N GLU A 201 -0.58 0.49 -1.28
CA GLU A 201 -0.25 1.87 -0.96
C GLU A 201 1.24 2.05 -0.72
N ILE A 202 1.88 1.06 -0.09
CA ILE A 202 3.33 1.12 0.10
C ILE A 202 4.04 1.01 -1.24
N LEU A 203 3.64 0.03 -2.06
CA LEU A 203 4.31 -0.20 -3.34
C LEU A 203 4.30 1.06 -4.20
N GLY A 204 3.19 1.79 -4.22
CA GLY A 204 3.16 3.06 -4.93
C GLY A 204 4.22 4.04 -4.47
N SER A 205 4.51 4.03 -3.17
CA SER A 205 5.59 4.87 -2.64
C SER A 205 6.95 4.41 -3.16
N ILE A 206 7.07 3.12 -3.50
CA ILE A 206 8.33 2.60 -4.04
C ILE A 206 8.41 2.84 -5.54
N ILE A 207 7.33 2.55 -6.26
CA ILE A 207 7.31 2.69 -7.71
C ILE A 207 7.55 4.14 -8.12
N ASN A 208 7.01 5.10 -7.36
CA ASN A 208 7.23 6.52 -7.65
C ASN A 208 8.68 6.93 -7.46
N GLY A 209 9.48 6.14 -6.75
CA GLY A 209 10.88 6.46 -6.58
C GLY A 209 11.82 5.52 -7.29
N PHE A 210 11.31 4.81 -8.31
CA PHE A 210 12.11 3.83 -9.03
C PHE A 210 13.29 4.47 -9.74
N ALA A 211 14.22 3.62 -10.19
CA ALA A 211 15.46 4.06 -10.80
C ALA A 211 15.44 3.85 -12.30
N LEU A 212 16.17 4.75 -13.00
CA LEU A 212 16.28 5.00 -14.44
C LEU A 212 15.70 3.88 -15.31
N PRO A 213 16.44 2.98 -15.99
CA PRO A 213 15.73 1.84 -16.59
C PRO A 213 15.14 0.94 -15.51
N LEU A 214 13.86 0.62 -15.68
CA LEU A 214 13.17 -0.25 -14.77
C LEU A 214 13.63 -1.69 -14.96
N LYS A 215 13.95 -2.36 -13.87
CA LYS A 215 14.39 -3.75 -13.92
C LYS A 215 13.27 -4.62 -14.48
N GLU A 216 13.66 -5.69 -15.18
CA GLU A 216 12.65 -6.63 -15.67
C GLU A 216 11.90 -7.27 -14.50
N GLU A 217 12.57 -7.41 -13.35
CA GLU A 217 11.91 -7.89 -12.15
C GLU A 217 10.65 -7.07 -11.84
N HIS A 218 10.71 -5.76 -12.08
CA HIS A 218 9.55 -4.90 -11.82
C HIS A 218 8.51 -5.01 -12.92
N LYS A 219 8.96 -4.98 -14.18
CA LYS A 219 8.04 -5.06 -15.32
C LYS A 219 7.14 -6.29 -15.20
N ILE A 220 7.75 -7.44 -14.93
CA ILE A 220 7.03 -8.70 -14.71
C ILE A 220 5.96 -8.49 -13.66
N PHE A 221 6.34 -7.85 -12.55
CA PHE A 221 5.41 -7.63 -11.45
C PHE A 221 4.22 -6.78 -11.89
N LEU A 222 4.48 -5.69 -12.59
CA LEU A 222 3.37 -4.87 -13.11
C LEU A 222 2.47 -5.69 -14.01
N LEU A 223 3.05 -6.55 -14.85
CA LEU A 223 2.26 -7.31 -15.82
C LEU A 223 1.68 -8.58 -15.21
N LYS A 224 2.52 -9.43 -14.64
CA LYS A 224 2.06 -10.73 -14.17
C LYS A 224 1.52 -10.72 -12.76
N VAL A 225 1.43 -9.57 -12.10
CA VAL A 225 0.87 -9.52 -10.75
C VAL A 225 -0.14 -8.39 -10.64
N LEU A 226 0.29 -7.17 -10.95
CA LEU A 226 -0.56 -6.01 -10.73
C LEU A 226 -1.81 -6.04 -11.60
N LEU A 227 -1.65 -6.42 -12.87
CA LEU A 227 -2.82 -6.50 -13.75
C LEU A 227 -3.76 -7.63 -13.35
N PRO A 228 -3.29 -8.88 -13.10
CA PRO A 228 -4.23 -9.92 -12.65
C PRO A 228 -4.96 -9.60 -11.36
N LEU A 229 -4.49 -8.60 -10.61
CA LEU A 229 -5.23 -8.16 -9.43
C LEU A 229 -6.58 -7.57 -9.79
N HIS A 230 -6.73 -7.03 -11.01
CA HIS A 230 -8.03 -6.59 -11.48
C HIS A 230 -9.00 -7.73 -11.72
N LYS A 231 -8.53 -8.98 -11.66
CA LYS A 231 -9.37 -10.14 -11.95
C LYS A 231 -10.13 -10.61 -10.71
N VAL A 232 -9.61 -10.32 -9.51
CA VAL A 232 -10.19 -10.88 -8.29
C VAL A 232 -11.50 -10.17 -7.97
N LYS A 233 -12.38 -10.90 -7.27
CA LYS A 233 -13.73 -10.39 -7.00
C LYS A 233 -13.70 -9.23 -6.01
N SER A 234 -12.85 -9.31 -4.98
CA SER A 234 -12.84 -8.30 -3.92
C SER A 234 -12.09 -7.04 -4.36
N LEU A 235 -12.14 -6.73 -5.66
CA LEU A 235 -11.43 -5.56 -6.18
C LEU A 235 -11.98 -4.27 -5.61
N SER A 236 -13.23 -4.26 -5.14
CA SER A 236 -13.84 -3.02 -4.66
C SER A 236 -13.08 -2.42 -3.50
N VAL A 237 -12.33 -3.23 -2.76
CA VAL A 237 -11.70 -2.76 -1.53
C VAL A 237 -10.34 -2.14 -1.80
N TYR A 238 -9.54 -2.70 -2.71
CA TYR A 238 -8.18 -2.24 -2.95
C TYR A 238 -8.00 -1.59 -4.32
N HIS A 239 -9.09 -1.29 -5.04
CA HIS A 239 -8.95 -0.72 -6.38
C HIS A 239 -8.31 0.67 -6.40
N PRO A 240 -8.64 1.63 -5.52
CA PRO A 240 -7.99 2.94 -5.63
C PRO A 240 -6.48 2.87 -5.54
N GLN A 241 -5.96 2.04 -4.63
CA GLN A 241 -4.51 1.91 -4.47
C GLN A 241 -3.88 1.13 -5.62
N LEU A 242 -4.57 0.09 -6.11
CA LEU A 242 -4.08 -0.64 -7.28
C LEU A 242 -3.95 0.30 -8.47
N ALA A 243 -4.97 1.12 -8.71
CA ALA A 243 -4.92 2.07 -9.82
C ALA A 243 -3.74 3.03 -9.67
N TYR A 244 -3.46 3.46 -8.44
CA TYR A 244 -2.33 4.35 -8.20
C TYR A 244 -1.01 3.71 -8.61
N CYS A 245 -0.82 2.43 -8.27
CA CYS A 245 0.39 1.73 -8.68
C CYS A 245 0.47 1.60 -10.19
N VAL A 246 -0.65 1.30 -10.85
CA VAL A 246 -0.66 1.15 -12.30
C VAL A 246 -0.31 2.48 -12.97
N VAL A 247 -0.83 3.59 -12.43
CA VAL A 247 -0.53 4.90 -12.99
C VAL A 247 0.91 5.30 -12.70
N GLN A 248 1.39 5.03 -11.48
CA GLN A 248 2.77 5.36 -11.15
C GLN A 248 3.75 4.59 -12.03
N PHE A 249 3.37 3.40 -12.49
CA PHE A 249 4.23 2.64 -13.39
C PHE A 249 4.35 3.32 -14.75
N LEU A 250 3.21 3.79 -15.29
CA LEU A 250 3.25 4.47 -16.58
C LEU A 250 3.86 5.85 -16.48
N GLU A 251 3.79 6.47 -15.30
CA GLU A 251 4.45 7.77 -15.10
C GLU A 251 5.95 7.64 -15.20
N LYS A 252 6.50 6.52 -14.73
CA LYS A 252 7.93 6.28 -14.90
C LYS A 252 8.26 5.99 -16.36
N ASP A 253 7.85 4.82 -16.84
CA ASP A 253 8.19 4.37 -18.18
C ASP A 253 6.90 4.29 -19.00
N SER A 254 6.72 5.22 -19.92
CA SER A 254 5.53 5.26 -20.75
C SER A 254 5.65 4.26 -21.90
N THR A 255 6.48 3.24 -21.71
CA THR A 255 6.55 2.15 -22.68
C THR A 255 5.44 1.14 -22.45
N LEU A 256 5.12 0.88 -21.17
CA LEU A 256 4.20 -0.19 -20.78
C LEU A 256 2.73 0.20 -20.86
N THR A 257 2.40 1.33 -21.47
CA THR A 257 1.00 1.76 -21.50
C THR A 257 0.19 0.94 -22.50
N GLU A 258 0.83 0.33 -23.51
CA GLU A 258 0.08 -0.54 -24.41
C GLU A 258 -0.36 -1.82 -23.71
N PRO A 259 0.54 -2.63 -23.13
CA PRO A 259 0.07 -3.88 -22.50
C PRO A 259 -0.79 -3.64 -21.27
N VAL A 260 -0.67 -2.49 -20.62
CA VAL A 260 -1.53 -2.17 -19.49
C VAL A 260 -2.98 -2.00 -19.95
N VAL A 261 -3.20 -1.11 -20.92
CA VAL A 261 -4.55 -0.81 -21.37
C VAL A 261 -5.20 -2.05 -21.99
N MET A 262 -4.45 -2.76 -22.83
CA MET A 262 -4.98 -3.95 -23.47
C MET A 262 -5.38 -5.01 -22.44
N ALA A 263 -4.61 -5.12 -21.35
CA ALA A 263 -4.97 -6.04 -20.29
C ALA A 263 -6.25 -5.62 -19.58
N LEU A 264 -6.41 -4.31 -19.36
CA LEU A 264 -7.60 -3.83 -18.67
C LEU A 264 -8.86 -4.13 -19.47
N LEU A 265 -8.80 -3.95 -20.80
CA LEU A 265 -9.94 -4.30 -21.65
C LEU A 265 -10.18 -5.80 -21.65
N LYS A 266 -9.12 -6.60 -21.45
CA LYS A 266 -9.29 -8.04 -21.25
C LYS A 266 -10.00 -8.32 -19.93
N TYR A 267 -9.42 -7.86 -18.83
CA TYR A 267 -10.03 -8.01 -17.51
C TYR A 267 -11.29 -7.17 -17.34
N TRP A 268 -11.68 -6.39 -18.34
CA TRP A 268 -12.87 -5.54 -18.23
C TRP A 268 -14.11 -6.41 -18.01
N PRO A 269 -14.96 -6.10 -17.03
CA PRO A 269 -16.17 -6.89 -16.81
C PRO A 269 -17.11 -6.83 -18.01
N LYS A 270 -17.00 -7.84 -18.89
CA LYS A 270 -17.86 -7.94 -20.06
C LYS A 270 -19.33 -7.93 -19.67
N THR A 271 -19.65 -8.46 -18.49
CA THR A 271 -20.99 -8.34 -17.95
C THR A 271 -21.21 -6.90 -17.49
N HIS A 272 -22.28 -6.27 -17.98
CA HIS A 272 -22.59 -4.91 -17.58
C HIS A 272 -22.89 -4.86 -16.09
N SER A 273 -22.03 -4.19 -15.35
CA SER A 273 -22.08 -4.18 -13.89
C SER A 273 -21.63 -2.82 -13.39
N PRO A 274 -22.13 -2.35 -12.25
CA PRO A 274 -21.60 -1.11 -11.66
C PRO A 274 -20.11 -1.15 -11.34
N LYS A 275 -19.47 -2.32 -11.44
CA LYS A 275 -18.02 -2.40 -11.25
C LYS A 275 -17.25 -1.83 -12.43
N GLU A 276 -17.91 -1.50 -13.53
CA GLU A 276 -17.24 -0.83 -14.64
C GLU A 276 -16.79 0.58 -14.26
N VAL A 277 -17.51 1.23 -13.35
CA VAL A 277 -17.16 2.60 -12.94
C VAL A 277 -15.74 2.63 -12.39
N MET A 278 -15.30 1.55 -11.76
CA MET A 278 -13.92 1.46 -11.30
C MET A 278 -12.95 1.49 -12.48
N PHE A 279 -13.24 0.71 -13.52
CA PHE A 279 -12.35 0.68 -14.69
C PHE A 279 -12.34 2.02 -15.41
N LEU A 280 -13.50 2.66 -15.53
CA LEU A 280 -13.55 3.98 -16.14
C LEU A 280 -12.74 4.99 -15.34
N ASN A 281 -12.85 4.92 -14.00
CA ASN A 281 -11.99 5.72 -13.14
C ASN A 281 -10.52 5.46 -13.42
N GLU A 282 -10.13 4.18 -13.42
CA GLU A 282 -8.75 3.81 -13.70
C GLU A 282 -8.32 4.26 -15.09
N LEU A 283 -9.21 4.14 -16.07
CA LEU A 283 -8.83 4.50 -17.44
C LEU A 283 -8.71 6.01 -17.61
N GLU A 284 -9.60 6.79 -16.99
CA GLU A 284 -9.43 8.23 -17.04
C GLU A 284 -8.18 8.66 -16.28
N GLU A 285 -7.84 7.95 -15.20
CA GLU A 285 -6.61 8.23 -14.49
C GLU A 285 -5.38 7.82 -15.31
N ILE A 286 -5.51 6.80 -16.15
CA ILE A 286 -4.40 6.44 -17.03
C ILE A 286 -4.24 7.47 -18.14
N LEU A 287 -5.36 8.01 -18.63
CA LEU A 287 -5.31 8.92 -19.76
C LEU A 287 -4.75 10.29 -19.39
N ASP A 288 -4.88 10.68 -18.12
CA ASP A 288 -4.37 11.98 -17.70
C ASP A 288 -2.84 12.04 -17.72
N VAL A 289 -2.17 10.89 -17.76
CA VAL A 289 -0.71 10.85 -17.83
C VAL A 289 -0.21 10.10 -19.05
N ILE A 290 -1.09 9.80 -20.00
CA ILE A 290 -0.69 8.99 -21.15
C ILE A 290 0.13 9.84 -22.12
N GLU A 291 1.20 9.26 -22.63
CA GLU A 291 1.99 9.91 -23.66
C GLU A 291 1.26 9.81 -25.00
N PRO A 292 0.97 10.92 -25.67
CA PRO A 292 0.17 10.85 -26.90
C PRO A 292 0.74 9.94 -27.96
N SER A 293 2.07 9.77 -28.01
CA SER A 293 2.67 8.83 -28.95
C SER A 293 2.24 7.39 -28.66
N GLU A 294 1.89 7.11 -27.41
CA GLU A 294 1.39 5.79 -27.04
C GLU A 294 -0.13 5.73 -26.96
N PHE A 295 -0.79 6.88 -26.90
CA PHE A 295 -2.25 6.91 -26.94
C PHE A 295 -2.77 6.28 -28.23
N VAL A 296 -2.15 6.62 -29.36
CA VAL A 296 -2.63 6.15 -30.66
C VAL A 296 -2.45 4.65 -30.80
N LYS A 297 -1.48 4.07 -30.08
CA LYS A 297 -1.24 2.64 -30.13
C LYS A 297 -2.39 1.82 -29.54
N ILE A 298 -3.27 2.44 -28.76
CA ILE A 298 -4.36 1.72 -28.10
C ILE A 298 -5.64 2.55 -28.09
N MET A 299 -5.73 3.55 -28.97
CA MET A 299 -6.90 4.42 -28.97
C MET A 299 -8.10 3.77 -29.62
N GLU A 300 -7.88 2.87 -30.58
CA GLU A 300 -9.01 2.18 -31.20
C GLU A 300 -9.69 1.21 -30.26
N PRO A 301 -9.02 0.21 -29.68
CA PRO A 301 -9.73 -0.75 -28.82
C PRO A 301 -10.33 -0.10 -27.59
N LEU A 302 -9.74 1.00 -27.12
CA LEU A 302 -10.30 1.74 -26.00
C LEU A 302 -11.72 2.21 -26.29
N PHE A 303 -11.89 3.00 -27.35
CA PHE A 303 -13.16 3.66 -27.57
C PHE A 303 -14.25 2.69 -28.02
N ARG A 304 -13.87 1.56 -28.63
CA ARG A 304 -14.83 0.49 -28.89
C ARG A 304 -15.48 0.05 -27.58
N GLN A 305 -14.67 -0.16 -26.55
CA GLN A 305 -15.23 -0.43 -25.23
C GLN A 305 -15.94 0.79 -24.67
N LEU A 306 -15.33 1.97 -24.80
CA LEU A 306 -15.93 3.19 -24.24
C LEU A 306 -17.28 3.48 -24.89
N ALA A 307 -17.41 3.26 -26.20
CA ALA A 307 -18.71 3.44 -26.84
C ALA A 307 -19.72 2.45 -26.29
N LYS A 308 -19.29 1.22 -26.00
CA LYS A 308 -20.16 0.26 -25.33
C LYS A 308 -20.62 0.78 -23.96
N CYS A 309 -19.79 1.57 -23.28
CA CYS A 309 -20.18 2.10 -21.98
C CYS A 309 -21.21 3.21 -22.12
N VAL A 310 -21.05 4.08 -23.12
CA VAL A 310 -22.02 5.12 -23.38
C VAL A 310 -23.39 4.53 -23.73
N SER A 311 -23.41 3.31 -24.26
CA SER A 311 -24.65 2.61 -24.57
C SER A 311 -25.12 1.68 -23.46
N SER A 312 -24.44 1.67 -22.31
CA SER A 312 -24.77 0.75 -21.23
C SER A 312 -26.22 0.92 -20.77
N PRO A 313 -26.85 -0.15 -20.31
CA PRO A 313 -28.16 -0.02 -19.66
C PRO A 313 -28.08 0.52 -18.23
N HIS A 314 -26.88 0.62 -17.67
CA HIS A 314 -26.68 1.15 -16.32
C HIS A 314 -26.28 2.63 -16.46
N PHE A 315 -27.13 3.51 -15.93
CA PHE A 315 -26.90 4.94 -16.05
C PHE A 315 -25.55 5.34 -15.47
N GLN A 316 -25.23 4.83 -14.27
CA GLN A 316 -23.97 5.17 -13.62
C GLN A 316 -22.78 4.90 -14.53
N VAL A 317 -22.85 3.82 -15.33
CA VAL A 317 -21.75 3.50 -16.23
C VAL A 317 -21.67 4.54 -17.34
N ALA A 318 -22.81 4.88 -17.94
CA ALA A 318 -22.84 5.86 -19.03
C ALA A 318 -22.50 7.25 -18.53
N GLU A 319 -23.09 7.64 -17.40
CA GLU A 319 -22.76 8.92 -16.77
C GLU A 319 -21.26 9.07 -16.58
N ARG A 320 -20.60 7.99 -16.16
CA ARG A 320 -19.16 8.05 -15.91
C ARG A 320 -18.37 8.11 -17.21
N ALA A 321 -18.76 7.32 -18.21
CA ALA A 321 -18.07 7.34 -19.50
C ALA A 321 -18.22 8.69 -20.19
N LEU A 322 -19.40 9.32 -20.05
CA LEU A 322 -19.61 10.65 -20.61
C LEU A 322 -18.94 11.74 -19.78
N TYR A 323 -18.56 11.46 -18.54
CA TYR A 323 -17.79 12.45 -17.79
C TYR A 323 -16.36 12.57 -18.31
N TYR A 324 -15.96 11.70 -19.23
CA TYR A 324 -14.64 11.80 -19.85
C TYR A 324 -14.46 13.10 -20.62
N TRP A 325 -15.55 13.68 -21.12
CA TRP A 325 -15.44 14.85 -21.98
C TRP A 325 -15.10 16.11 -21.20
N ASN A 326 -15.37 16.13 -19.89
CA ASN A 326 -14.93 17.22 -19.02
C ASN A 326 -13.41 17.20 -18.78
N ASN A 327 -12.65 16.44 -19.56
CA ASN A 327 -11.20 16.33 -19.39
C ASN A 327 -10.53 16.98 -20.59
N GLU A 328 -9.91 18.15 -20.37
CA GLU A 328 -9.39 18.94 -21.48
C GLU A 328 -8.30 18.18 -22.24
N TYR A 329 -7.35 17.57 -21.51
CA TYR A 329 -6.27 16.85 -22.16
C TYR A 329 -6.79 15.68 -23.01
N ILE A 330 -7.96 15.13 -22.67
CA ILE A 330 -8.53 14.07 -23.49
C ILE A 330 -9.09 14.64 -24.78
N MET A 331 -9.76 15.79 -24.70
CA MET A 331 -10.33 16.43 -25.89
C MET A 331 -9.26 16.72 -26.93
N SER A 332 -8.15 17.31 -26.49
CA SER A 332 -7.03 17.54 -27.39
C SER A 332 -6.55 16.25 -28.04
N LEU A 333 -6.45 15.18 -27.25
CA LEU A 333 -6.09 13.87 -27.80
C LEU A 333 -7.16 13.34 -28.74
N ILE A 334 -8.41 13.79 -28.58
CA ILE A 334 -9.47 13.36 -29.48
C ILE A 334 -9.46 14.19 -30.77
N SER A 335 -9.36 15.51 -30.64
CA SER A 335 -9.41 16.35 -31.84
C SER A 335 -8.16 16.18 -32.69
N ASP A 336 -7.01 15.93 -32.07
CA ASP A 336 -5.80 15.62 -32.82
C ASP A 336 -5.84 14.23 -33.44
N ASN A 337 -6.91 13.47 -33.20
CA ASN A 337 -7.08 12.15 -33.81
C ASN A 337 -8.54 11.93 -34.21
N ALA A 338 -9.25 13.01 -34.55
CA ALA A 338 -10.69 12.91 -34.77
C ALA A 338 -11.04 11.95 -35.90
N ALA A 339 -10.13 11.76 -36.86
CA ALA A 339 -10.41 10.92 -38.02
C ALA A 339 -10.68 9.47 -37.64
N LYS A 340 -10.26 9.04 -36.45
CA LYS A 340 -10.41 7.65 -36.04
C LYS A 340 -11.40 7.44 -34.89
N ILE A 341 -11.71 8.47 -34.12
CA ILE A 341 -12.50 8.30 -32.90
C ILE A 341 -13.99 8.45 -33.20
N LEU A 342 -14.37 9.60 -33.76
CA LEU A 342 -15.77 9.90 -34.01
C LEU A 342 -16.47 8.84 -34.86
N PRO A 343 -15.79 8.16 -35.80
CA PRO A 343 -16.41 6.99 -36.41
C PRO A 343 -16.79 5.90 -35.41
N ILE A 344 -16.02 5.73 -34.34
CA ILE A 344 -16.31 4.67 -33.38
C ILE A 344 -17.39 5.10 -32.41
N MET A 345 -17.32 6.33 -31.89
CA MET A 345 -18.28 6.78 -30.89
C MET A 345 -19.66 7.00 -31.48
N PHE A 346 -19.75 7.58 -32.68
CA PHE A 346 -21.01 7.87 -33.33
C PHE A 346 -20.99 7.30 -34.74
N PRO A 347 -21.02 5.98 -34.89
CA PRO A 347 -20.97 5.38 -36.23
C PRO A 347 -22.13 5.76 -37.12
N SER A 348 -23.24 6.22 -36.53
CA SER A 348 -24.36 6.71 -37.33
C SER A 348 -24.00 7.97 -38.10
N LEU A 349 -23.03 8.75 -37.61
CA LEU A 349 -22.79 10.09 -38.10
C LEU A 349 -21.51 10.23 -38.91
N TYR A 350 -20.57 9.29 -38.78
CA TYR A 350 -19.28 9.40 -39.45
C TYR A 350 -18.91 8.04 -40.05
N ARG A 351 -17.96 8.06 -40.98
CA ARG A 351 -17.57 6.83 -41.70
C ARG A 351 -16.05 6.78 -41.80
N ASN A 352 -15.55 5.80 -42.56
CA ASN A 352 -14.11 5.58 -42.68
C ASN A 352 -13.68 5.26 -44.11
N PHE B 33 -4.27 5.92 -2.14
CA PHE B 33 -4.78 6.89 -1.18
C PHE B 33 -3.74 7.95 -0.87
N SER B 34 -2.56 7.77 -1.45
CA SER B 34 -1.42 8.70 -1.31
C SER B 34 -0.99 8.69 0.17
N GLY B 35 -0.62 9.85 0.72
CA GLY B 35 -0.21 9.91 2.11
C GLY B 35 1.26 9.64 2.33
N LEU B 36 1.72 8.47 1.88
CA LEU B 36 3.11 8.07 2.08
C LEU B 36 4.01 8.76 1.05
N GLU B 37 5.15 9.26 1.52
CA GLU B 37 6.13 9.96 0.70
C GLU B 37 7.03 8.96 -0.03
N PRO B 38 7.49 9.30 -1.23
CA PRO B 38 8.22 8.34 -2.05
C PRO B 38 9.55 7.92 -1.44
N ILE B 39 10.07 6.82 -1.96
CA ILE B 39 11.32 6.20 -1.51
C ILE B 39 12.22 6.09 -2.74
N GLU B 40 13.25 6.92 -2.80
CA GLU B 40 14.16 6.94 -3.93
C GLU B 40 14.96 5.64 -3.96
N GLU B 41 14.58 4.72 -4.84
CA GLU B 41 15.37 3.52 -5.06
C GLU B 41 16.80 3.87 -5.43
N GLU B 42 17.76 3.23 -4.77
CA GLU B 42 19.17 3.45 -5.02
C GLU B 42 19.91 2.15 -4.71
N PRO B 43 21.13 1.95 -5.28
CA PRO B 43 21.77 0.63 -5.21
C PRO B 43 21.79 0.00 -3.83
N GLU B 44 21.23 -1.20 -3.75
CA GLU B 44 21.14 -1.96 -2.51
C GLU B 44 22.52 -2.35 -1.99
#